data_5MMA
#
_entry.id   5MMA
#
_cell.length_a   159.570
_cell.length_b   159.570
_cell.length_c   124.140
_cell.angle_alpha   90.00
_cell.angle_beta   90.00
_cell.angle_gamma   90.00
#
_symmetry.space_group_name_H-M   'P 41 21 2'
#
loop_
_entity.id
_entity.type
_entity.pdbx_description
1 polymer integrase
2 polymer "DNA (5'-D(*AP*TP*TP*GP*TP*CP*AP*TP*GP*GP*AP*AP*TP*TP*TP*CP*GP*CP*A)-3')"
3 polymer "DNA (5'-D(*TP*GP*CP*GP*AP*AP*AP*TP*TP*CP*CP*AP*TP*GP*AP*CP*A)-3')"
4 non-polymer 'ZINC ION'
5 non-polymer 'MAGNESIUM ION'
6 non-polymer 'SULFATE ION'
7 non-polymer GLYCEROL
8 non-polymer 'methyl 2-[[3-[[2,4-bis(fluoranyl)phenyl]methylcarbamoyl]-1-oxidanyl-2-oxidanylidene-1,8-naphthyridin-4-yl]amino]ethanoate'
9 non-polymer '2-(N-MORPHOLINO)-ETHANESULFONIC ACID'
10 non-polymer HEXANE-1,6-DIOL
11 water water
#
loop_
_entity_poly.entity_id
_entity_poly.type
_entity_poly.pdbx_seq_one_letter_code
_entity_poly.pdbx_strand_id
1 'polypeptide(L)'
;GPGCNTKKPNLDAELDQLLQGHYIKGYPKQYTYFLEDGKVKVSRPEGVKIIPPQSDRQKIVLQAHNLAHTGREATLLKIA
NLYWWPNMRKDVVKQLGRCQQCLITNASNKASGPILRPDRPQKPFDKFFIDYIGPLPPSQGYLYVLVVVDGMTGFTWLYP
TKAPSTSATVKSLNVLTSIAIPKVIHSDQGAAFTSSTFAEWAKERGIHLEFSTPYHPQSSGKVERKNSDIKRLLTKLLVG
RPTKWYDLLPVVQLALNNTYSPVLKYTPHQLLFGIDSNTPFANQDTLDLTREEELSLLQEIRTSLYHPSTPPASSRSWSP
VVGQLVQERVARPASLRPRWHKPSTVLKVLNPRTVVILDHLGNNRTVSIDNLKPTSHQNGTTNDTATMDHLEKNE
;
A,B
2 'polydeoxyribonucleotide' (DA)(DT)(DT)(DG)(DT)(DC)(DA)(DT)(DG)(DG)(DA)(DA)(DT)(DT)(DT)(DC)(DG)(DC)(DA) C
3 'polydeoxyribonucleotide' (DT)(DG)(DC)(DG)(DA)(DA)(DA)(DT)(DT)(DC)(DC)(DA)(DT)(DG)(DA)(DC)(DA) D
#
loop_
_chem_comp.id
_chem_comp.type
_chem_comp.name
_chem_comp.formula
DA DNA linking 2'-DEOXYADENOSINE-5'-MONOPHOSPHATE 'C10 H14 N5 O6 P'
DC DNA linking 2'-DEOXYCYTIDINE-5'-MONOPHOSPHATE 'C9 H14 N3 O7 P'
DG DNA linking 2'-DEOXYGUANOSINE-5'-MONOPHOSPHATE 'C10 H14 N5 O7 P'
DT DNA linking THYMIDINE-5'-MONOPHOSPHATE 'C10 H15 N2 O8 P'
GOL non-polymer GLYCEROL 'C3 H8 O3'
HEZ non-polymer HEXANE-1,6-DIOL 'C6 H14 O2'
MES non-polymer '2-(N-MORPHOLINO)-ETHANESULFONIC ACID' 'C6 H13 N O4 S'
MG non-polymer 'MAGNESIUM ION' 'Mg 2'
SO4 non-polymer 'SULFATE ION' 'O4 S -2'
VHT non-polymer 'methyl 2-[[3-[[2,4-bis(fluoranyl)phenyl]methylcarbamoyl]-1-oxidanyl-2-oxidanylidene-1,8-naphthyridin-4-yl]amino]ethanoate' 'C19 H16 F2 N4 O5'
ZN non-polymer 'ZINC ION' 'Zn 2'
#
# COMPACT_ATOMS: atom_id res chain seq x y z
N ASP A 12 14.05 8.65 63.13
CA ASP A 12 14.31 8.68 64.58
C ASP A 12 13.80 9.96 65.21
N ALA A 13 14.28 11.10 64.70
CA ALA A 13 13.88 12.39 65.27
C ALA A 13 12.38 12.63 65.10
N GLU A 14 11.84 12.33 63.92
CA GLU A 14 10.41 12.47 63.70
C GLU A 14 9.62 11.50 64.57
N LEU A 15 10.08 10.25 64.66
CA LEU A 15 9.40 9.25 65.48
C LEU A 15 9.60 9.50 66.97
N ASP A 16 10.63 10.27 67.35
CA ASP A 16 10.87 10.54 68.77
C ASP A 16 9.76 11.42 69.34
N GLN A 17 9.45 12.53 68.66
CA GLN A 17 8.38 13.40 69.13
C GLN A 17 7.01 12.73 69.06
N LEU A 18 6.87 11.70 68.22
CA LEU A 18 5.60 10.99 68.16
C LEU A 18 5.39 10.11 69.39
N LEU A 19 6.48 9.58 69.97
CA LEU A 19 6.36 8.71 71.13
C LEU A 19 5.92 9.47 72.37
N GLN A 20 6.31 10.73 72.50
CA GLN A 20 5.99 11.51 73.68
C GLN A 20 4.62 12.20 73.59
N GLY A 21 3.93 12.10 72.46
CA GLY A 21 2.58 12.62 72.33
C GLY A 21 2.44 13.82 71.43
N HIS A 22 3.52 14.37 70.90
CA HIS A 22 3.41 15.52 70.01
C HIS A 22 2.82 15.09 68.66
N TYR A 23 2.10 16.01 68.04
CA TYR A 23 1.43 15.74 66.77
C TYR A 23 2.37 16.00 65.61
N ILE A 24 2.40 15.06 64.66
CA ILE A 24 3.17 15.19 63.43
C ILE A 24 2.22 14.99 62.26
N LYS A 25 2.28 15.87 61.27
CA LYS A 25 1.39 15.80 60.12
C LYS A 25 1.55 14.45 59.41
N GLY A 26 0.42 13.87 59.03
CA GLY A 26 0.37 12.55 58.42
C GLY A 26 0.06 11.44 59.40
N TYR A 27 0.47 11.59 60.66
CA TYR A 27 0.19 10.59 61.68
C TYR A 27 -1.09 10.99 62.40
N PRO A 28 -2.19 10.25 62.25
CA PRO A 28 -3.44 10.64 62.91
C PRO A 28 -3.29 10.62 64.43
N LYS A 29 -3.97 11.57 65.09
CA LYS A 29 -3.79 11.78 66.51
C LYS A 29 -4.54 10.75 67.36
N GLN A 30 -5.68 10.26 66.87
CA GLN A 30 -6.53 9.38 67.67
C GLN A 30 -5.90 8.01 67.93
N TYR A 31 -4.72 7.72 67.39
CA TYR A 31 -4.04 6.46 67.64
C TYR A 31 -2.90 6.65 68.63
N THR A 32 -2.58 5.59 69.36
CA THR A 32 -1.53 5.61 70.35
C THR A 32 -0.26 5.01 69.75
N TYR A 33 0.83 5.78 69.78
CA TYR A 33 2.12 5.37 69.24
C TYR A 33 3.06 5.06 70.40
N PHE A 34 3.40 3.79 70.57
CA PHE A 34 4.23 3.33 71.67
C PHE A 34 5.51 2.71 71.13
N LEU A 35 6.39 2.32 72.05
CA LEU A 35 7.65 1.68 71.73
C LEU A 35 7.67 0.29 72.35
N GLU A 36 8.24 -0.67 71.61
CA GLU A 36 8.29 -2.05 72.05
C GLU A 36 9.35 -2.78 71.24
N ASP A 37 10.22 -3.53 71.92
CA ASP A 37 11.32 -4.26 71.29
C ASP A 37 12.23 -3.33 70.49
N GLY A 38 12.36 -2.08 70.95
CA GLY A 38 13.18 -1.12 70.25
C GLY A 38 12.61 -0.63 68.94
N LYS A 39 11.31 -0.76 68.74
CA LYS A 39 10.65 -0.37 67.49
C LYS A 39 9.42 0.46 67.81
N VAL A 40 9.22 1.52 67.03
CA VAL A 40 8.02 2.34 67.15
C VAL A 40 6.86 1.60 66.50
N LYS A 41 5.76 1.44 67.25
CA LYS A 41 4.60 0.71 66.78
C LYS A 41 3.35 1.55 66.97
N VAL A 42 2.26 1.09 66.37
CA VAL A 42 0.97 1.76 66.47
C VAL A 42 -0.13 0.70 66.44
N SER A 43 -1.17 0.92 67.23
CA SER A 43 -2.32 0.02 67.28
C SER A 43 -3.36 0.52 66.29
N ARG A 44 -3.44 -0.15 65.14
CA ARG A 44 -4.40 0.19 64.11
C ARG A 44 -5.51 -0.85 64.05
N PRO A 45 -6.66 -0.53 63.44
CA PRO A 45 -7.77 -1.50 63.42
C PRO A 45 -7.39 -2.86 62.87
N GLU A 46 -6.51 -2.91 61.86
CA GLU A 46 -6.07 -4.18 61.31
C GLU A 46 -5.09 -4.91 62.24
N GLY A 47 -4.56 -4.24 63.25
CA GLY A 47 -3.61 -4.84 64.16
C GLY A 47 -2.47 -3.90 64.49
N VAL A 48 -1.50 -4.39 65.26
CA VAL A 48 -0.34 -3.59 65.61
C VAL A 48 0.65 -3.65 64.46
N LYS A 49 1.10 -2.48 64.00
CA LYS A 49 2.05 -2.38 62.90
C LYS A 49 3.28 -1.62 63.35
N ILE A 50 4.41 -1.96 62.75
CA ILE A 50 5.67 -1.27 63.03
C ILE A 50 5.73 -0.01 62.17
N ILE A 51 6.11 1.11 62.79
CA ILE A 51 6.34 2.33 62.04
C ILE A 51 7.84 2.48 61.84
N PRO A 52 8.37 2.16 60.66
CA PRO A 52 9.80 2.31 60.42
C PRO A 52 10.16 3.77 60.22
N PRO A 53 11.39 4.16 60.55
CA PRO A 53 11.82 5.53 60.28
C PRO A 53 11.83 5.82 58.79
N GLN A 54 11.80 7.11 58.46
CA GLN A 54 11.76 7.53 57.06
C GLN A 54 12.93 6.95 56.27
N SER A 55 14.10 6.86 56.90
CA SER A 55 15.31 6.43 56.20
C SER A 55 15.31 4.94 55.85
N ASP A 56 14.33 4.17 56.30
CA ASP A 56 14.27 2.75 56.02
C ASP A 56 13.12 2.36 55.11
N ARG A 57 12.24 3.30 54.77
CA ARG A 57 11.02 2.93 54.06
C ARG A 57 11.29 2.57 52.61
N GLN A 58 12.25 3.24 51.96
CA GLN A 58 12.56 2.91 50.58
C GLN A 58 13.09 1.49 50.46
N LYS A 59 13.95 1.07 51.40
CA LYS A 59 14.45 -0.30 51.36
C LYS A 59 13.34 -1.31 51.61
N ILE A 60 12.37 -0.99 52.46
CA ILE A 60 11.26 -1.90 52.72
C ILE A 60 10.40 -2.07 51.48
N VAL A 61 10.04 -0.94 50.84
CA VAL A 61 9.25 -1.01 49.61
C VAL A 61 9.99 -1.81 48.55
N LEU A 62 11.31 -1.64 48.47
CA LEU A 62 12.09 -2.35 47.46
C LEU A 62 12.14 -3.84 47.76
N GLN A 63 12.33 -4.21 49.03
CA GLN A 63 12.36 -5.63 49.38
C GLN A 63 11.01 -6.29 49.11
N ALA A 64 9.91 -5.61 49.45
CA ALA A 64 8.60 -6.19 49.22
C ALA A 64 8.30 -6.29 47.72
N HIS A 65 8.61 -5.24 46.96
CA HIS A 65 8.35 -5.29 45.52
C HIS A 65 9.20 -6.35 44.84
N ASN A 66 10.45 -6.51 45.26
CA ASN A 66 11.37 -7.40 44.55
C ASN A 66 11.06 -8.88 44.78
N LEU A 67 10.15 -9.22 45.70
CA LEU A 67 9.81 -10.62 45.92
C LEU A 67 9.30 -11.25 44.63
N ALA A 68 8.37 -10.58 43.95
CA ALA A 68 7.86 -11.08 42.67
C ALA A 68 7.61 -9.96 41.68
N HIS A 69 8.22 -8.78 41.90
CA HIS A 69 8.06 -7.61 41.03
C HIS A 69 6.58 -7.31 40.79
N THR A 70 5.85 -7.21 41.90
CA THR A 70 4.41 -7.02 41.88
C THR A 70 4.04 -5.56 41.65
N GLY A 71 2.79 -5.34 41.28
CA GLY A 71 2.28 -4.01 41.03
C GLY A 71 1.97 -3.28 42.33
N ARG A 72 1.09 -2.28 42.22
CA ARG A 72 0.84 -1.39 43.35
C ARG A 72 0.19 -2.13 44.51
N GLU A 73 -0.97 -2.73 44.28
CA GLU A 73 -1.73 -3.33 45.38
C GLU A 73 -1.04 -4.58 45.93
N ALA A 74 -0.52 -5.43 45.04
CA ALA A 74 0.10 -6.66 45.50
C ALA A 74 1.37 -6.38 46.31
N THR A 75 2.07 -5.28 46.01
CA THR A 75 3.23 -4.90 46.80
C THR A 75 2.80 -4.33 48.15
N LEU A 76 1.77 -3.48 48.16
CA LEU A 76 1.33 -2.87 49.41
C LEU A 76 0.83 -3.92 50.39
N LEU A 77 0.08 -4.92 49.90
CA LEU A 77 -0.45 -5.95 50.78
C LEU A 77 0.67 -6.66 51.53
N LYS A 78 1.83 -6.84 50.89
CA LYS A 78 2.98 -7.39 51.59
C LYS A 78 3.45 -6.46 52.70
N ILE A 79 3.68 -5.19 52.36
CA ILE A 79 4.19 -4.24 53.35
C ILE A 79 3.20 -4.08 54.50
N ALA A 80 1.91 -4.06 54.19
CA ALA A 80 0.89 -3.86 55.21
C ALA A 80 0.86 -4.98 56.24
N ASN A 81 1.43 -6.15 55.92
CA ASN A 81 1.44 -7.25 56.88
C ASN A 81 2.26 -6.91 58.12
N LEU A 82 3.26 -6.05 57.99
CA LEU A 82 4.15 -5.74 59.10
C LEU A 82 4.21 -4.27 59.45
N TYR A 83 4.13 -3.38 58.46
CA TYR A 83 4.42 -1.97 58.69
C TYR A 83 3.22 -1.09 58.39
N TRP A 84 3.29 0.13 58.91
CA TRP A 84 2.38 1.21 58.51
C TRP A 84 3.14 2.52 58.61
N TRP A 85 2.88 3.41 57.66
CA TRP A 85 3.37 4.78 57.72
C TRP A 85 2.50 5.63 56.79
N PRO A 86 2.50 6.95 56.96
CA PRO A 86 1.63 7.79 56.14
C PRO A 86 1.92 7.66 54.66
N ASN A 87 0.85 7.51 53.87
CA ASN A 87 0.91 7.52 52.40
C ASN A 87 1.86 6.43 51.88
N MET A 88 1.52 5.18 52.20
CA MET A 88 2.40 4.08 51.81
C MET A 88 2.38 3.86 50.30
N ARG A 89 1.20 3.88 49.69
CA ARG A 89 1.11 3.67 48.25
C ARG A 89 1.90 4.71 47.47
N LYS A 90 2.04 5.92 48.02
CA LYS A 90 2.86 6.93 47.35
C LYS A 90 4.30 6.47 47.22
N ASP A 91 4.85 5.88 48.28
CA ASP A 91 6.20 5.33 48.21
C ASP A 91 6.27 4.10 47.32
N VAL A 92 5.19 3.30 47.28
CA VAL A 92 5.17 2.13 46.42
C VAL A 92 5.20 2.54 44.96
N VAL A 93 4.33 3.48 44.57
CA VAL A 93 4.30 3.96 43.19
C VAL A 93 5.63 4.61 42.83
N LYS A 94 6.29 5.26 43.79
CA LYS A 94 7.59 5.86 43.52
C LYS A 94 8.63 4.82 43.14
N GLN A 95 8.53 3.61 43.71
CA GLN A 95 9.47 2.55 43.35
C GLN A 95 9.07 1.86 42.05
N LEU A 96 7.77 1.70 41.80
CA LEU A 96 7.32 1.06 40.56
C LEU A 96 7.78 1.86 39.35
N GLY A 97 7.74 3.19 39.43
CA GLY A 97 8.20 4.02 38.33
C GLY A 97 9.71 4.04 38.14
N ARG A 98 10.47 3.51 39.09
CA ARG A 98 11.92 3.44 38.99
C ARG A 98 12.44 2.03 38.73
N CYS A 99 11.58 1.02 38.74
CA CYS A 99 12.01 -0.35 38.50
C CYS A 99 12.07 -0.58 36.99
N GLN A 100 13.29 -0.60 36.45
CA GLN A 100 13.46 -0.74 35.01
C GLN A 100 12.92 -2.08 34.51
N GLN A 101 13.05 -3.14 35.31
CA GLN A 101 12.60 -4.46 34.87
C GLN A 101 11.09 -4.50 34.68
N CYS A 102 10.33 -3.86 35.57
CA CYS A 102 8.88 -3.84 35.40
C CYS A 102 8.47 -2.97 34.23
N LEU A 103 9.09 -1.79 34.09
CA LEU A 103 8.68 -0.86 33.05
C LEU A 103 8.79 -1.48 31.65
N ILE A 104 9.82 -2.30 31.43
CA ILE A 104 10.04 -2.85 30.10
C ILE A 104 9.45 -4.24 29.90
N THR A 105 9.04 -4.92 30.98
CA THR A 105 8.44 -6.24 30.85
C THR A 105 6.92 -6.23 30.98
N ASN A 106 6.36 -5.38 31.83
CA ASN A 106 4.92 -5.39 32.05
C ASN A 106 4.16 -4.99 30.79
N ALA A 107 2.91 -5.44 30.72
CA ALA A 107 2.01 -5.06 29.65
C ALA A 107 1.38 -3.72 29.94
N SER A 108 0.76 -3.14 28.92
CA SER A 108 -0.03 -1.93 29.07
C SER A 108 -1.48 -2.29 29.37
N ASN A 109 -2.17 -1.38 30.06
CA ASN A 109 -3.61 -1.49 30.23
C ASN A 109 -4.36 -0.27 29.69
N LYS A 110 -3.73 0.48 28.78
CA LYS A 110 -4.35 1.62 28.14
C LYS A 110 -4.35 1.39 26.63
N ALA A 111 -5.53 1.35 26.03
CA ALA A 111 -5.66 1.08 24.61
C ALA A 111 -5.24 2.29 23.79
N SER A 112 -4.92 2.05 22.52
CA SER A 112 -4.60 3.13 21.60
C SER A 112 -5.85 3.95 21.30
N GLY A 113 -5.63 5.22 20.95
CA GLY A 113 -6.71 6.07 20.50
C GLY A 113 -7.37 5.52 19.24
N PRO A 114 -8.56 6.04 18.92
CA PRO A 114 -9.31 5.50 17.78
C PRO A 114 -8.60 5.75 16.45
N ILE A 115 -8.83 4.84 15.50
CA ILE A 115 -8.10 4.86 14.24
C ILE A 115 -8.55 6.04 13.37
N LEU A 116 -7.63 6.55 12.57
CA LEU A 116 -7.95 7.53 11.56
C LEU A 116 -8.48 6.85 10.30
N ARG A 117 -9.39 7.52 9.62
CA ARG A 117 -9.83 7.05 8.31
C ARG A 117 -9.38 8.07 7.26
N PRO A 118 -8.14 7.97 6.77
CA PRO A 118 -7.63 9.02 5.89
C PRO A 118 -8.43 9.11 4.60
N ASP A 119 -8.50 10.34 4.06
CA ASP A 119 -9.31 10.60 2.88
C ASP A 119 -8.92 9.69 1.73
N ARG A 120 -9.93 9.24 0.99
CA ARG A 120 -9.68 8.51 -0.25
C ARG A 120 -8.95 9.44 -1.22
N PRO A 121 -7.90 8.97 -1.89
CA PRO A 121 -7.26 9.80 -2.92
C PRO A 121 -8.28 10.32 -3.91
N GLN A 122 -8.09 11.57 -4.35
CA GLN A 122 -9.11 12.22 -5.17
C GLN A 122 -9.20 11.59 -6.55
N LYS A 123 -8.07 11.26 -7.15
CA LYS A 123 -8.07 10.78 -8.53
C LYS A 123 -7.38 9.42 -8.63
N PRO A 124 -7.69 8.65 -9.66
CA PRO A 124 -6.86 7.48 -9.97
C PRO A 124 -5.42 7.91 -10.23
N PHE A 125 -4.49 7.03 -9.87
CA PHE A 125 -3.05 7.24 -10.00
C PHE A 125 -2.52 8.34 -9.09
N ASP A 126 -3.34 8.84 -8.15
CA ASP A 126 -2.81 9.74 -7.14
C ASP A 126 -1.92 9.01 -6.15
N LYS A 127 -2.30 7.81 -5.73
CA LYS A 127 -1.53 7.06 -4.74
C LYS A 127 -1.70 5.57 -4.97
N PHE A 128 -0.60 4.88 -5.26
CA PHE A 128 -0.57 3.42 -5.29
C PHE A 128 -0.16 2.88 -3.93
N PHE A 129 -0.82 1.81 -3.50
CA PHE A 129 -0.39 1.00 -2.37
C PHE A 129 0.14 -0.31 -2.91
N ILE A 130 1.35 -0.70 -2.48
CA ILE A 130 1.96 -1.93 -2.97
C ILE A 130 2.42 -2.76 -1.78
N ASP A 131 2.50 -4.08 -2.01
CA ASP A 131 2.88 -5.03 -0.98
C ASP A 131 3.10 -6.37 -1.65
N TYR A 132 3.76 -7.28 -0.93
CA TYR A 132 3.99 -8.63 -1.41
C TYR A 132 3.13 -9.62 -0.64
N ILE A 133 2.74 -10.68 -1.33
CA ILE A 133 2.10 -11.84 -0.74
C ILE A 133 3.05 -13.02 -0.92
N GLY A 134 3.16 -13.85 0.09
CA GLY A 134 3.99 -15.04 -0.02
C GLY A 134 4.89 -15.27 1.17
N PRO A 135 5.66 -16.37 1.15
CA PRO A 135 5.76 -17.32 0.02
C PRO A 135 4.56 -18.25 -0.13
N LEU A 136 4.12 -18.40 -1.37
CA LEU A 136 3.06 -19.34 -1.74
C LEU A 136 3.67 -20.66 -2.16
N PRO A 137 2.86 -21.70 -2.32
CA PRO A 137 3.38 -22.97 -2.89
C PRO A 137 3.97 -22.71 -4.26
N PRO A 138 5.10 -23.35 -4.58
CA PRO A 138 5.78 -23.07 -5.86
C PRO A 138 4.87 -23.38 -7.05
N SER A 139 4.64 -22.37 -7.88
CA SER A 139 3.84 -22.51 -9.08
C SER A 139 4.63 -21.92 -10.24
N GLN A 140 4.99 -22.77 -11.21
CA GLN A 140 5.80 -22.38 -12.37
C GLN A 140 7.11 -21.73 -11.94
N GLY A 141 7.64 -22.15 -10.79
CA GLY A 141 8.84 -21.57 -10.26
C GLY A 141 8.65 -20.27 -9.51
N TYR A 142 7.42 -19.80 -9.37
CA TYR A 142 7.13 -18.54 -8.70
C TYR A 142 6.61 -18.78 -7.29
N LEU A 143 6.96 -17.87 -6.39
CA LEU A 143 6.63 -17.99 -4.97
C LEU A 143 5.88 -16.81 -4.40
N TYR A 144 5.97 -15.64 -5.02
CA TYR A 144 5.39 -14.42 -4.45
C TYR A 144 4.54 -13.71 -5.49
N VAL A 145 3.69 -12.82 -4.99
CA VAL A 145 2.83 -11.99 -5.84
C VAL A 145 2.99 -10.54 -5.38
N LEU A 146 3.43 -9.69 -6.29
CA LEU A 146 3.40 -8.25 -6.06
C LEU A 146 1.99 -7.74 -6.31
N VAL A 147 1.43 -7.04 -5.33
CA VAL A 147 0.07 -6.51 -5.40
C VAL A 147 0.14 -4.99 -5.44
N VAL A 148 -0.54 -4.38 -6.40
CA VAL A 148 -0.57 -2.94 -6.59
C VAL A 148 -2.01 -2.50 -6.67
N VAL A 149 -2.44 -1.68 -5.70
CA VAL A 149 -3.83 -1.22 -5.62
C VAL A 149 -3.84 0.30 -5.74
N ASP A 150 -4.63 0.80 -6.69
CA ASP A 150 -4.82 2.24 -6.80
C ASP A 150 -5.74 2.72 -5.69
N GLY A 151 -5.30 3.76 -4.96
CA GLY A 151 -6.03 4.18 -3.77
C GLY A 151 -7.43 4.64 -4.06
N MET A 152 -7.62 5.42 -5.14
CA MET A 152 -8.93 5.99 -5.41
C MET A 152 -9.92 4.92 -5.85
N THR A 153 -9.51 4.06 -6.79
CA THR A 153 -10.43 3.13 -7.43
C THR A 153 -10.44 1.74 -6.81
N GLY A 154 -9.34 1.33 -6.19
CA GLY A 154 -9.20 -0.04 -5.77
C GLY A 154 -8.80 -0.99 -6.88
N PHE A 155 -8.62 -0.47 -8.10
CA PHE A 155 -8.15 -1.29 -9.22
C PHE A 155 -6.79 -1.89 -8.87
N THR A 156 -6.63 -3.18 -9.16
CA THR A 156 -5.50 -3.95 -8.67
C THR A 156 -4.76 -4.62 -9.82
N TRP A 157 -3.43 -4.58 -9.74
CA TRP A 157 -2.55 -5.29 -10.66
C TRP A 157 -1.79 -6.37 -9.90
N LEU A 158 -1.68 -7.56 -10.50
CA LEU A 158 -1.02 -8.71 -9.89
C LEU A 158 0.17 -9.12 -10.74
N TYR A 159 1.32 -9.30 -10.09
CA TYR A 159 2.54 -9.71 -10.77
C TYR A 159 3.18 -10.85 -9.99
N PRO A 160 3.32 -12.03 -10.59
CA PRO A 160 4.04 -13.12 -9.92
C PRO A 160 5.54 -12.90 -9.96
N THR A 161 6.20 -13.17 -8.84
CA THR A 161 7.65 -13.03 -8.74
C THR A 161 8.23 -14.25 -8.04
N LYS A 162 9.54 -14.42 -8.22
CA LYS A 162 10.29 -15.48 -7.55
C LYS A 162 10.85 -15.04 -6.20
N ALA A 163 10.84 -13.74 -5.91
CA ALA A 163 11.35 -13.20 -4.66
C ALA A 163 10.72 -11.84 -4.42
N PRO A 164 10.52 -11.44 -3.14
CA PRO A 164 10.08 -10.06 -2.86
C PRO A 164 11.26 -9.10 -2.92
N SER A 165 11.81 -8.96 -4.12
CA SER A 165 13.06 -8.23 -4.31
C SER A 165 12.80 -6.89 -5.00
N THR A 166 13.78 -5.99 -4.88
CA THR A 166 13.70 -4.71 -5.58
C THR A 166 13.71 -4.92 -7.08
N SER A 167 14.53 -5.85 -7.58
CA SER A 167 14.61 -6.07 -9.02
C SER A 167 13.28 -6.57 -9.58
N ALA A 168 12.59 -7.45 -8.85
CA ALA A 168 11.30 -7.92 -9.30
C ALA A 168 10.24 -6.83 -9.22
N THR A 169 10.34 -5.95 -8.21
CA THR A 169 9.41 -4.84 -8.11
C THR A 169 9.59 -3.87 -9.27
N VAL A 170 10.84 -3.53 -9.59
CA VAL A 170 11.11 -2.57 -10.65
C VAL A 170 10.65 -3.11 -12.00
N LYS A 171 10.92 -4.39 -12.27
CA LYS A 171 10.47 -4.99 -13.53
C LYS A 171 8.95 -4.94 -13.65
N SER A 172 8.24 -5.26 -12.57
CA SER A 172 6.78 -5.27 -12.62
C SER A 172 6.21 -3.86 -12.75
N LEU A 173 6.79 -2.90 -12.03
CA LEU A 173 6.25 -1.54 -12.08
C LEU A 173 6.61 -0.83 -13.39
N ASN A 174 7.72 -1.22 -14.03
CA ASN A 174 8.01 -0.68 -15.35
C ASN A 174 6.93 -1.08 -16.35
N VAL A 175 6.39 -2.29 -16.21
CA VAL A 175 5.29 -2.71 -17.07
C VAL A 175 4.02 -1.97 -16.70
N LEU A 176 3.73 -1.87 -15.40
CA LEU A 176 2.52 -1.18 -14.95
C LEU A 176 2.56 0.28 -15.38
N THR A 177 3.67 0.97 -15.13
CA THR A 177 3.75 2.39 -15.45
C THR A 177 3.73 2.67 -16.94
N SER A 178 3.65 1.64 -17.79
CA SER A 178 3.41 1.88 -19.20
C SER A 178 2.07 2.53 -19.44
N ILE A 179 1.11 2.31 -18.55
CA ILE A 179 -0.23 2.87 -18.72
C ILE A 179 -0.34 4.27 -18.10
N ALA A 180 0.29 4.48 -16.95
CA ALA A 180 0.26 5.78 -16.27
C ALA A 180 1.27 5.77 -15.13
N ILE A 181 1.71 6.95 -14.74
CA ILE A 181 2.67 7.15 -13.67
C ILE A 181 1.92 7.68 -12.46
N PRO A 182 2.07 7.07 -11.28
CA PRO A 182 1.38 7.58 -10.09
C PRO A 182 2.15 8.71 -9.44
N LYS A 183 1.41 9.55 -8.72
CA LYS A 183 2.05 10.60 -7.92
C LYS A 183 2.85 10.01 -6.77
N VAL A 184 2.21 9.16 -5.96
CA VAL A 184 2.81 8.63 -4.75
C VAL A 184 2.65 7.11 -4.75
N ILE A 185 3.68 6.41 -4.28
CA ILE A 185 3.61 4.97 -4.02
C ILE A 185 3.78 4.78 -2.53
N HIS A 186 2.79 4.16 -1.89
CA HIS A 186 2.86 3.84 -0.48
C HIS A 186 3.17 2.36 -0.31
N SER A 187 4.04 2.05 0.65
CA SER A 187 4.40 0.66 0.93
C SER A 187 4.86 0.56 2.37
N ASP A 188 4.92 -0.67 2.86
CA ASP A 188 5.52 -0.93 4.16
C ASP A 188 7.04 -0.82 4.04
N GLN A 189 7.73 -1.09 5.14
CA GLN A 189 9.19 -0.98 5.18
C GLN A 189 9.89 -2.30 4.87
N GLY A 190 9.27 -3.16 4.07
CA GLY A 190 9.96 -4.35 3.60
C GLY A 190 11.18 -4.01 2.76
N ALA A 191 12.09 -4.98 2.64
CA ALA A 191 13.39 -4.73 2.04
C ALA A 191 13.28 -4.31 0.58
N ALA A 192 12.29 -4.82 -0.15
CA ALA A 192 12.19 -4.53 -1.58
C ALA A 192 11.90 -3.06 -1.84
N PHE A 193 11.24 -2.37 -0.91
CA PHE A 193 10.76 -1.02 -1.13
C PHE A 193 11.63 0.04 -0.47
N THR A 194 12.54 -0.35 0.43
CA THR A 194 13.39 0.59 1.14
C THR A 194 14.80 0.68 0.56
N SER A 195 15.15 -0.18 -0.40
CA SER A 195 16.48 -0.15 -0.98
C SER A 195 16.71 1.16 -1.73
N SER A 196 17.98 1.58 -1.78
CA SER A 196 18.31 2.79 -2.51
C SER A 196 18.04 2.63 -4.01
N THR A 197 18.14 1.41 -4.53
CA THR A 197 17.82 1.17 -5.93
C THR A 197 16.38 1.52 -6.24
N PHE A 198 15.45 1.13 -5.36
CA PHE A 198 14.05 1.45 -5.57
C PHE A 198 13.79 2.95 -5.41
N ALA A 199 14.49 3.58 -4.47
CA ALA A 199 14.35 5.03 -4.31
C ALA A 199 14.80 5.76 -5.56
N GLU A 200 15.92 5.33 -6.15
CA GLU A 200 16.40 5.94 -7.39
C GLU A 200 15.43 5.70 -8.53
N TRP A 201 14.82 4.52 -8.58
CA TRP A 201 13.86 4.22 -9.63
C TRP A 201 12.68 5.19 -9.58
N ALA A 202 12.20 5.49 -8.36
CA ALA A 202 11.04 6.36 -8.23
C ALA A 202 11.40 7.82 -8.50
N LYS A 203 12.58 8.26 -8.06
CA LYS A 203 12.98 9.64 -8.29
C LYS A 203 13.15 9.93 -9.78
N GLU A 204 13.65 8.95 -10.54
CA GLU A 204 13.80 9.13 -11.98
C GLU A 204 12.46 9.36 -12.68
N ARG A 205 11.36 8.89 -12.09
N ARG A 205 11.36 8.87 -12.10
CA ARG A 205 10.04 9.00 -12.69
CA ARG A 205 10.04 9.00 -12.70
C ARG A 205 9.15 10.01 -11.97
C ARG A 205 9.15 10.01 -11.97
N GLY A 206 9.72 10.81 -11.07
CA GLY A 206 8.92 11.78 -10.35
C GLY A 206 7.91 11.19 -9.40
N ILE A 207 8.13 9.97 -8.92
CA ILE A 207 7.22 9.29 -8.02
C ILE A 207 7.73 9.47 -6.59
N HIS A 208 6.87 9.99 -5.71
CA HIS A 208 7.23 10.13 -4.30
C HIS A 208 6.94 8.83 -3.56
N LEU A 209 7.94 8.33 -2.83
CA LEU A 209 7.78 7.12 -2.04
C LEU A 209 7.31 7.47 -0.63
N GLU A 210 6.25 6.82 -0.19
CA GLU A 210 5.66 7.01 1.14
C GLU A 210 5.70 5.68 1.87
N PHE A 211 6.12 5.70 3.14
CA PHE A 211 6.36 4.49 3.89
C PHE A 211 5.47 4.44 5.13
N SER A 212 4.88 3.27 5.37
CA SER A 212 4.20 3.03 6.64
C SER A 212 5.18 3.15 7.80
N THR A 213 4.65 3.49 8.97
CA THR A 213 5.43 3.33 10.19
C THR A 213 5.83 1.86 10.33
N PRO A 214 6.94 1.58 11.02
CA PRO A 214 7.41 0.18 11.09
C PRO A 214 6.43 -0.71 11.83
N TYR A 215 6.35 -1.96 11.37
CA TYR A 215 5.61 -3.03 12.04
C TYR A 215 4.17 -2.63 12.32
N HIS A 216 3.49 -2.13 11.29
CA HIS A 216 2.11 -1.64 11.42
C HIS A 216 1.37 -1.83 10.11
N PRO A 217 1.03 -3.08 9.78
CA PRO A 217 0.37 -3.35 8.48
C PRO A 217 -0.96 -2.65 8.31
N GLN A 218 -1.58 -2.15 9.39
CA GLN A 218 -2.79 -1.35 9.23
CA GLN A 218 -2.79 -1.33 9.26
C GLN A 218 -2.57 -0.19 8.27
N SER A 219 -1.37 0.40 8.27
CA SER A 219 -1.10 1.57 7.45
C SER A 219 -1.17 1.25 5.97
N SER A 220 -0.87 0.01 5.58
CA SER A 220 -1.11 -0.44 4.22
C SER A 220 -2.44 -1.16 4.06
N GLY A 221 -3.41 -0.84 4.93
CA GLY A 221 -4.66 -1.59 4.97
C GLY A 221 -5.39 -1.65 3.65
N LYS A 222 -5.14 -0.67 2.77
CA LYS A 222 -5.78 -0.67 1.46
C LYS A 222 -5.39 -1.91 0.65
N VAL A 223 -4.09 -2.22 0.64
CA VAL A 223 -3.63 -3.40 -0.10
C VAL A 223 -3.81 -4.67 0.72
N GLU A 224 -3.54 -4.60 2.02
CA GLU A 224 -3.73 -5.77 2.87
C GLU A 224 -5.14 -6.33 2.69
N ARG A 225 -6.14 -5.45 2.72
CA ARG A 225 -7.51 -5.89 2.54
C ARG A 225 -7.71 -6.53 1.17
N LYS A 226 -7.06 -5.99 0.15
CA LYS A 226 -7.13 -6.61 -1.17
C LYS A 226 -6.42 -7.97 -1.19
N ASN A 227 -5.30 -8.08 -0.47
CA ASN A 227 -4.62 -9.36 -0.35
C ASN A 227 -5.56 -10.44 0.16
N SER A 228 -6.43 -10.10 1.12
CA SER A 228 -7.40 -11.05 1.63
C SER A 228 -8.33 -11.54 0.52
N ASP A 229 -8.88 -10.62 -0.27
CA ASP A 229 -9.77 -11.02 -1.36
C ASP A 229 -9.05 -11.85 -2.40
N ILE A 230 -7.79 -11.52 -2.68
CA ILE A 230 -7.01 -12.28 -3.67
C ILE A 230 -6.84 -13.72 -3.23
N LYS A 231 -6.40 -13.92 -1.98
CA LYS A 231 -6.16 -15.28 -1.50
C LYS A 231 -7.47 -16.02 -1.28
N ARG A 232 -8.54 -15.32 -0.92
CA ARG A 232 -9.82 -15.98 -0.73
C ARG A 232 -10.35 -16.54 -2.05
N LEU A 233 -10.20 -15.78 -3.15
CA LEU A 233 -10.68 -16.26 -4.44
C LEU A 233 -9.77 -17.36 -4.98
N LEU A 234 -8.45 -17.21 -4.83
CA LEU A 234 -7.53 -18.26 -5.23
C LEU A 234 -7.85 -19.56 -4.50
N THR A 235 -8.13 -19.47 -3.19
CA THR A 235 -8.48 -20.66 -2.42
C THR A 235 -9.72 -21.33 -2.99
N LYS A 236 -10.76 -20.55 -3.29
CA LYS A 236 -11.99 -21.12 -3.82
C LYS A 236 -11.76 -21.79 -5.18
N LEU A 237 -11.00 -21.13 -6.06
CA LEU A 237 -10.75 -21.70 -7.39
C LEU A 237 -9.86 -22.94 -7.33
N LEU A 238 -9.05 -23.08 -6.28
CA LEU A 238 -8.12 -24.20 -6.17
C LEU A 238 -8.66 -25.34 -5.31
N VAL A 239 -9.93 -25.28 -4.90
CA VAL A 239 -10.49 -26.35 -4.09
C VAL A 239 -10.49 -27.65 -4.89
N GLY A 240 -10.01 -28.72 -4.27
CA GLY A 240 -9.95 -30.01 -4.93
C GLY A 240 -8.99 -30.10 -6.10
N ARG A 241 -8.08 -29.15 -6.23
CA ARG A 241 -7.06 -29.13 -7.26
C ARG A 241 -5.71 -28.83 -6.63
N PRO A 242 -4.62 -29.24 -7.26
CA PRO A 242 -3.30 -28.79 -6.79
C PRO A 242 -3.16 -27.28 -6.94
N THR A 243 -2.39 -26.69 -6.04
CA THR A 243 -2.32 -25.23 -5.91
C THR A 243 -1.54 -24.57 -7.04
N LYS A 244 -2.00 -24.74 -8.28
CA LYS A 244 -1.38 -24.09 -9.44
C LYS A 244 -2.00 -22.72 -9.61
N TRP A 245 -1.44 -21.74 -8.90
CA TRP A 245 -2.02 -20.40 -8.86
C TRP A 245 -1.45 -19.44 -9.90
N TYR A 246 -0.38 -19.82 -10.59
CA TYR A 246 0.27 -18.90 -11.52
C TYR A 246 -0.67 -18.49 -12.65
N ASP A 247 -1.36 -19.47 -13.24
CA ASP A 247 -2.27 -19.18 -14.34
C ASP A 247 -3.57 -18.55 -13.89
N LEU A 248 -3.85 -18.53 -12.58
CA LEU A 248 -5.07 -17.93 -12.07
C LEU A 248 -4.94 -16.45 -11.75
N LEU A 249 -3.71 -15.95 -11.59
CA LEU A 249 -3.52 -14.52 -11.31
C LEU A 249 -4.22 -13.60 -12.30
N PRO A 250 -4.09 -13.79 -13.63
CA PRO A 250 -4.85 -12.92 -14.54
C PRO A 250 -6.36 -13.06 -14.38
N VAL A 251 -6.84 -14.28 -14.14
CA VAL A 251 -8.27 -14.48 -13.89
C VAL A 251 -8.71 -13.73 -12.65
N VAL A 252 -8.00 -13.93 -11.54
CA VAL A 252 -8.36 -13.29 -10.27
C VAL A 252 -8.29 -11.77 -10.40
N GLN A 253 -7.25 -11.27 -11.06
CA GLN A 253 -7.12 -9.82 -11.26
C GLN A 253 -8.36 -9.26 -11.95
N LEU A 254 -8.75 -9.85 -13.08
CA LEU A 254 -9.92 -9.37 -13.80
C LEU A 254 -11.18 -9.54 -12.97
N ALA A 255 -11.30 -10.66 -12.26
CA ALA A 255 -12.51 -10.94 -11.48
C ALA A 255 -12.70 -9.92 -10.36
N LEU A 256 -11.63 -9.62 -9.62
CA LEU A 256 -11.76 -8.67 -8.51
C LEU A 256 -11.93 -7.24 -9.02
N ASN A 257 -11.28 -6.89 -10.13
CA ASN A 257 -11.39 -5.53 -10.65
C ASN A 257 -12.80 -5.22 -11.17
N ASN A 258 -13.61 -6.26 -11.43
CA ASN A 258 -14.98 -6.06 -11.89
C ASN A 258 -16.00 -6.55 -10.86
N THR A 259 -15.63 -6.60 -9.59
CA THR A 259 -16.53 -7.01 -8.52
C THR A 259 -17.09 -5.78 -7.82
N TYR A 260 -18.41 -5.76 -7.65
CA TYR A 260 -19.06 -4.63 -7.00
C TYR A 260 -18.69 -4.58 -5.52
N SER A 261 -18.43 -3.36 -5.03
CA SER A 261 -18.38 -3.12 -3.60
C SER A 261 -19.78 -2.74 -3.14
N PRO A 262 -20.43 -3.54 -2.27
CA PRO A 262 -21.82 -3.24 -1.92
C PRO A 262 -22.04 -1.87 -1.29
N VAL A 263 -21.06 -1.34 -0.55
CA VAL A 263 -21.25 -0.03 0.05
C VAL A 263 -21.00 1.09 -0.96
N LEU A 264 -20.18 0.83 -1.98
CA LEU A 264 -19.92 1.84 -3.01
C LEU A 264 -20.91 1.79 -4.15
N LYS A 265 -21.48 0.62 -4.45
CA LYS A 265 -22.34 0.37 -5.61
C LYS A 265 -21.58 0.46 -6.93
N TYR A 266 -20.26 0.29 -6.91
CA TYR A 266 -19.46 0.33 -8.12
C TYR A 266 -18.33 -0.69 -8.03
N THR A 267 -17.82 -1.08 -9.19
CA THR A 267 -16.63 -1.92 -9.28
C THR A 267 -15.39 -1.04 -9.43
N PRO A 268 -14.21 -1.56 -9.09
CA PRO A 268 -12.99 -0.77 -9.32
C PRO A 268 -12.80 -0.38 -10.78
N HIS A 269 -13.14 -1.30 -11.69
CA HIS A 269 -13.07 -0.98 -13.12
C HIS A 269 -13.93 0.22 -13.46
N GLN A 270 -15.15 0.29 -12.89
CA GLN A 270 -16.04 1.40 -13.18
C GLN A 270 -15.49 2.71 -12.63
N LEU A 271 -14.91 2.67 -11.43
CA LEU A 271 -14.31 3.88 -10.87
C LEU A 271 -13.10 4.34 -11.65
N LEU A 272 -12.44 3.45 -12.39
CA LEU A 272 -11.26 3.82 -13.16
C LEU A 272 -11.60 4.29 -14.57
N PHE A 273 -12.52 3.61 -15.26
CA PHE A 273 -12.83 3.93 -16.65
C PHE A 273 -14.19 4.57 -16.86
N GLY A 274 -15.09 4.51 -15.87
CA GLY A 274 -16.42 5.04 -16.04
C GLY A 274 -17.32 4.24 -16.95
N ILE A 275 -16.88 3.07 -17.42
CA ILE A 275 -17.69 2.23 -18.30
C ILE A 275 -17.12 0.82 -18.23
N ASP A 276 -18.02 -0.17 -18.23
CA ASP A 276 -17.58 -1.55 -18.24
C ASP A 276 -17.04 -1.93 -19.62
N SER A 277 -16.06 -2.82 -19.61
CA SER A 277 -15.56 -3.41 -20.85
C SER A 277 -16.41 -4.64 -21.18
N ASN A 278 -15.94 -5.47 -22.11
CA ASN A 278 -16.70 -6.62 -22.58
C ASN A 278 -16.54 -7.81 -21.61
N THR A 279 -17.03 -7.61 -20.40
CA THR A 279 -17.05 -8.63 -19.36
C THR A 279 -18.49 -9.06 -19.07
N PRO A 280 -18.69 -10.24 -18.49
CA PRO A 280 -20.06 -10.71 -18.24
C PRO A 280 -20.83 -9.75 -17.35
N PHE A 281 -22.12 -9.59 -17.65
CA PHE A 281 -23.03 -8.74 -16.88
C PHE A 281 -22.58 -7.29 -16.86
N ALA A 282 -22.10 -6.81 -18.01
CA ALA A 282 -21.64 -5.44 -18.12
C ALA A 282 -22.81 -4.47 -17.94
N ASN A 283 -22.57 -3.40 -17.19
CA ASN A 283 -23.59 -2.38 -17.01
C ASN A 283 -23.70 -1.52 -18.26
N GLN A 284 -24.94 -1.19 -18.64
CA GLN A 284 -25.22 -0.49 -19.89
C GLN A 284 -26.04 0.76 -19.65
N ASP A 285 -25.94 1.37 -18.47
CA ASP A 285 -26.81 2.51 -18.15
C ASP A 285 -26.41 3.76 -18.92
N THR A 286 -25.13 3.93 -19.24
CA THR A 286 -24.64 5.10 -19.96
C THR A 286 -24.50 4.84 -21.46
N LEU A 287 -25.30 3.92 -22.00
CA LEU A 287 -25.17 3.54 -23.40
C LEU A 287 -25.56 4.68 -24.34
N ASP A 288 -26.52 5.51 -23.93
CA ASP A 288 -26.98 6.62 -24.75
C ASP A 288 -26.19 7.90 -24.52
N LEU A 289 -25.41 7.98 -23.45
CA LEU A 289 -24.57 9.14 -23.21
C LEU A 289 -23.35 9.13 -24.13
N THR A 290 -22.83 10.31 -24.40
CA THR A 290 -21.55 10.42 -25.07
C THR A 290 -20.43 10.15 -24.06
N ARG A 291 -19.21 9.95 -24.58
CA ARG A 291 -18.08 9.74 -23.69
C ARG A 291 -17.86 10.95 -22.79
N GLU A 292 -18.06 12.15 -23.31
CA GLU A 292 -17.89 13.36 -22.50
C GLU A 292 -18.93 13.41 -21.39
N GLU A 293 -20.19 13.10 -21.71
CA GLU A 293 -21.22 13.03 -20.68
C GLU A 293 -20.94 11.90 -19.70
N GLU A 294 -20.40 10.78 -20.21
CA GLU A 294 -20.02 9.67 -19.35
C GLU A 294 -18.94 10.10 -18.36
N LEU A 295 -17.89 10.75 -18.86
CA LEU A 295 -16.81 11.21 -17.99
C LEU A 295 -17.29 12.28 -17.02
N SER A 296 -18.31 13.06 -17.39
CA SER A 296 -18.87 14.04 -16.48
C SER A 296 -19.59 13.35 -15.32
N LEU A 297 -20.36 12.31 -15.61
CA LEU A 297 -20.98 11.52 -14.56
C LEU A 297 -19.94 10.80 -13.71
N LEU A 298 -18.84 10.37 -14.33
CA LEU A 298 -17.80 9.67 -13.59
C LEU A 298 -17.13 10.58 -12.57
N GLN A 299 -16.94 11.86 -12.93
CA GLN A 299 -16.32 12.79 -12.00
C GLN A 299 -17.21 13.04 -10.79
N GLU A 300 -18.52 13.09 -11.00
CA GLU A 300 -19.44 13.26 -9.88
C GLU A 300 -19.46 12.02 -8.99
N ILE A 301 -19.38 10.83 -9.59
CA ILE A 301 -19.38 9.60 -8.81
C ILE A 301 -18.14 9.52 -7.93
N ARG A 302 -16.98 9.91 -8.46
CA ARG A 302 -15.74 9.79 -7.72
C ARG A 302 -15.74 10.67 -6.48
N THR A 303 -16.47 11.79 -6.51
CA THR A 303 -16.47 12.73 -5.40
C THR A 303 -17.57 12.46 -4.37
N SER A 304 -18.55 11.62 -4.71
CA SER A 304 -19.67 11.35 -3.81
C SER A 304 -19.58 9.98 -3.15
N LEU A 305 -18.40 9.35 -3.17
CA LEU A 305 -18.27 8.02 -2.59
C LEU A 305 -18.33 8.08 -1.06
N TYR A 306 -18.94 7.07 -0.46
CA TYR A 306 -19.03 6.98 0.98
C TYR A 306 -17.65 6.94 1.61
N HIS A 307 -17.48 7.70 2.70
CA HIS A 307 -16.22 7.68 3.44
C HIS A 307 -16.51 7.45 4.92
N PRO A 308 -15.87 6.48 5.55
CA PRO A 308 -16.11 6.23 6.97
C PRO A 308 -15.44 7.27 7.85
N SER A 309 -15.91 7.35 9.08
CA SER A 309 -15.40 8.31 10.05
C SER A 309 -14.72 7.58 11.21
N THR A 310 -13.98 8.36 12.00
CA THR A 310 -13.25 7.80 13.12
C THR A 310 -14.21 7.17 14.12
N PRO A 311 -13.96 5.94 14.56
CA PRO A 311 -14.86 5.28 15.51
C PRO A 311 -14.73 5.89 16.90
N PRO A 312 -15.66 5.58 17.81
CA PRO A 312 -15.55 6.11 19.17
C PRO A 312 -14.33 5.55 19.89
N ALA A 313 -13.66 6.42 20.64
CA ALA A 313 -12.54 5.99 21.47
C ALA A 313 -13.04 5.05 22.55
N SER A 314 -12.24 4.04 22.87
CA SER A 314 -12.59 3.13 23.95
C SER A 314 -12.48 3.87 25.28
N SER A 315 -13.10 3.29 26.32
CA SER A 315 -13.24 4.00 27.59
C SER A 315 -11.91 4.27 28.28
N ARG A 316 -10.84 3.54 27.93
CA ARG A 316 -9.54 3.72 28.55
C ARG A 316 -8.44 3.76 27.49
N SER A 317 -8.53 4.76 26.62
CA SER A 317 -7.53 4.98 25.59
C SER A 317 -6.61 6.14 25.98
N TRP A 318 -5.46 6.20 25.33
CA TRP A 318 -4.49 7.25 25.57
C TRP A 318 -4.13 7.90 24.24
N SER A 319 -3.85 9.20 24.30
CA SER A 319 -3.37 9.92 23.14
C SER A 319 -2.03 10.60 23.46
N PRO A 320 -1.09 10.58 22.53
CA PRO A 320 0.26 11.07 22.84
C PRO A 320 0.32 12.59 22.96
N VAL A 321 1.25 13.04 23.79
CA VAL A 321 1.49 14.45 24.04
C VAL A 321 2.99 14.69 23.93
N VAL A 322 3.37 15.85 23.37
CA VAL A 322 4.77 16.20 23.25
C VAL A 322 5.42 16.21 24.64
N GLY A 323 6.58 15.56 24.74
CA GLY A 323 7.29 15.46 26.00
C GLY A 323 6.91 14.26 26.85
N GLN A 324 5.87 13.53 26.48
CA GLN A 324 5.44 12.37 27.25
C GLN A 324 6.47 11.24 27.15
N LEU A 325 6.64 10.51 28.25
CA LEU A 325 7.46 9.30 28.24
C LEU A 325 6.64 8.14 27.67
N VAL A 326 7.15 7.53 26.61
CA VAL A 326 6.51 6.40 25.97
C VAL A 326 7.57 5.34 25.70
N GLN A 327 7.12 4.12 25.45
CA GLN A 327 8.02 2.99 25.21
C GLN A 327 7.62 2.29 23.92
N GLU A 328 8.59 2.04 23.06
CA GLU A 328 8.35 1.37 21.79
C GLU A 328 8.36 -0.14 21.98
N ARG A 329 7.46 -0.82 21.29
CA ARG A 329 7.40 -2.27 21.34
C ARG A 329 8.65 -2.87 20.70
N VAL A 330 9.19 -3.91 21.32
CA VAL A 330 10.31 -4.64 20.74
C VAL A 330 9.83 -5.43 19.54
N ALA A 331 10.57 -5.34 18.43
CA ALA A 331 10.13 -5.92 17.17
C ALA A 331 10.04 -7.45 17.23
N ARG A 332 11.18 -8.13 17.41
CA ARG A 332 11.23 -9.59 17.49
C ARG A 332 11.81 -9.97 18.85
N PRO A 333 11.01 -9.92 19.91
CA PRO A 333 11.55 -10.16 21.25
C PRO A 333 11.94 -11.63 21.43
N ALA A 334 13.16 -11.85 21.88
CA ALA A 334 13.64 -13.20 22.12
C ALA A 334 12.88 -13.84 23.28
N SER A 335 13.07 -15.15 23.42
CA SER A 335 12.45 -15.88 24.51
C SER A 335 12.93 -15.34 25.86
N LEU A 336 11.99 -15.12 26.78
CA LEU A 336 12.27 -14.63 28.13
C LEU A 336 12.95 -13.26 28.11
N ARG A 337 12.65 -12.45 27.09
CA ARG A 337 13.20 -11.10 27.00
C ARG A 337 12.07 -10.07 27.03
N PRO A 338 12.34 -8.85 27.48
CA PRO A 338 11.27 -7.86 27.60
C PRO A 338 10.63 -7.52 26.26
N ARG A 339 9.34 -7.22 26.31
CA ARG A 339 8.56 -6.87 25.14
C ARG A 339 8.58 -5.39 24.81
N TRP A 340 9.21 -4.56 25.65
CA TRP A 340 9.20 -3.12 25.47
C TRP A 340 10.61 -2.56 25.63
N HIS A 341 10.91 -1.50 24.87
CA HIS A 341 12.16 -0.78 25.00
C HIS A 341 12.12 0.15 26.21
N LYS A 342 13.29 0.68 26.57
CA LYS A 342 13.38 1.64 27.65
C LYS A 342 12.61 2.90 27.28
N PRO A 343 12.18 3.68 28.28
CA PRO A 343 11.34 4.85 27.99
C PRO A 343 12.01 5.84 27.07
N SER A 344 11.22 6.46 26.20
CA SER A 344 11.67 7.51 25.30
C SER A 344 10.66 8.65 25.34
N THR A 345 11.03 9.77 24.74
CA THR A 345 10.26 11.01 24.81
C THR A 345 9.61 11.30 23.46
N VAL A 346 8.34 11.72 23.49
CA VAL A 346 7.64 12.12 22.28
C VAL A 346 8.16 13.49 21.84
N LEU A 347 8.79 13.54 20.67
CA LEU A 347 9.29 14.81 20.15
C LEU A 347 8.19 15.59 19.45
N LYS A 348 7.45 14.95 18.56
CA LYS A 348 6.41 15.63 17.79
C LYS A 348 5.24 14.68 17.58
N VAL A 349 4.04 15.27 17.52
CA VAL A 349 2.80 14.53 17.27
C VAL A 349 2.35 14.87 15.85
N LEU A 350 2.62 13.96 14.91
CA LEU A 350 2.23 14.19 13.52
C LEU A 350 0.71 14.13 13.38
N ASN A 351 0.08 13.13 13.99
CA ASN A 351 -1.37 13.04 14.08
C ASN A 351 -1.67 12.23 15.33
N PRO A 352 -2.94 12.20 15.78
CA PRO A 352 -3.25 11.50 17.04
C PRO A 352 -2.82 10.04 17.09
N ARG A 353 -2.40 9.45 15.97
CA ARG A 353 -1.99 8.06 15.93
C ARG A 353 -0.53 7.87 15.48
N THR A 354 0.21 8.95 15.29
CA THR A 354 1.56 8.88 14.76
C THR A 354 2.42 9.93 15.45
N VAL A 355 3.61 9.52 15.92
CA VAL A 355 4.50 10.43 16.62
C VAL A 355 5.95 10.18 16.21
N VAL A 356 6.79 11.16 16.50
CA VAL A 356 8.23 11.04 16.41
C VAL A 356 8.78 10.96 17.84
N ILE A 357 9.59 9.95 18.11
CA ILE A 357 10.17 9.76 19.42
C ILE A 357 11.69 9.83 19.32
N LEU A 358 12.32 10.22 20.42
CA LEU A 358 13.77 10.13 20.56
C LEU A 358 14.10 8.68 20.88
N ASP A 359 14.49 7.92 19.85
CA ASP A 359 14.61 6.47 19.93
C ASP A 359 15.58 6.04 21.03
N HIS A 360 15.44 4.78 21.44
CA HIS A 360 16.30 4.20 22.45
C HIS A 360 17.75 4.08 21.98
N LEU A 361 18.01 4.25 20.68
CA LEU A 361 19.36 4.33 20.16
C LEU A 361 19.86 5.76 20.04
N GLY A 362 18.99 6.74 20.23
CA GLY A 362 19.34 8.15 20.09
C GLY A 362 18.83 8.80 18.82
N ASN A 363 18.24 8.04 17.90
CA ASN A 363 17.77 8.56 16.64
C ASN A 363 16.32 9.05 16.75
N ASN A 364 15.88 9.78 15.73
CA ASN A 364 14.48 10.12 15.58
C ASN A 364 13.78 8.99 14.85
N ARG A 365 12.64 8.56 15.38
CA ARG A 365 11.91 7.41 14.85
C ARG A 365 10.45 7.77 14.76
N THR A 366 9.86 7.58 13.58
CA THR A 366 8.44 7.82 13.36
C THR A 366 7.69 6.51 13.53
N VAL A 367 6.84 6.43 14.54
CA VAL A 367 6.20 5.18 14.92
C VAL A 367 4.69 5.40 15.09
N SER A 368 3.96 4.30 15.03
CA SER A 368 2.54 4.29 15.33
C SER A 368 2.33 4.10 16.82
N ILE A 369 1.30 4.75 17.36
CA ILE A 369 1.01 4.60 18.79
C ILE A 369 0.56 3.18 19.12
N ASP A 370 0.12 2.41 18.11
CA ASP A 370 -0.15 0.99 18.34
C ASP A 370 1.11 0.24 18.76
N ASN A 371 2.29 0.75 18.44
CA ASN A 371 3.54 0.16 18.86
C ASN A 371 4.18 0.94 20.01
N LEU A 372 3.38 1.72 20.73
CA LEU A 372 3.83 2.47 21.89
C LEU A 372 2.93 2.17 23.08
N LYS A 373 3.50 2.28 24.26
CA LYS A 373 2.71 2.35 25.49
C LYS A 373 3.18 3.55 26.28
N PRO A 374 2.28 4.21 27.01
CA PRO A 374 2.72 5.29 27.90
C PRO A 374 3.38 4.70 29.13
N THR A 375 4.54 5.26 29.50
CA THR A 375 5.26 4.76 30.65
C THR A 375 4.46 4.99 31.92
N SER A 376 4.26 3.92 32.69
CA SER A 376 3.42 4.00 33.88
C SER A 376 4.13 4.76 35.01
N HIS A 377 3.32 5.27 35.93
CA HIS A 377 3.80 5.97 37.13
C HIS A 377 4.59 7.24 36.77
N GLN A 378 4.30 7.81 35.61
CA GLN A 378 4.94 9.04 35.13
C GLN A 378 6.46 8.91 35.09
N ASP B 119 -28.18 5.71 -33.27
CA ASP B 119 -27.01 4.87 -33.04
C ASP B 119 -26.28 5.31 -31.76
N ARG B 120 -25.64 4.34 -31.09
CA ARG B 120 -24.99 4.62 -29.82
C ARG B 120 -23.68 5.37 -30.04
N PRO B 121 -23.37 6.36 -29.21
CA PRO B 121 -22.07 7.03 -29.30
C PRO B 121 -20.93 6.06 -29.08
N GLN B 122 -19.80 6.36 -29.70
CA GLN B 122 -18.62 5.51 -29.59
C GLN B 122 -18.05 5.56 -28.17
N LYS B 123 -17.48 4.45 -27.73
CA LYS B 123 -17.03 4.30 -26.36
C LYS B 123 -15.71 3.56 -26.31
N PRO B 124 -14.92 3.74 -25.25
CA PRO B 124 -13.76 2.89 -25.04
C PRO B 124 -14.18 1.43 -24.94
N PHE B 125 -13.27 0.54 -25.36
CA PHE B 125 -13.44 -0.91 -25.36
C PHE B 125 -14.42 -1.38 -26.44
N ASP B 126 -15.00 -0.48 -27.23
CA ASP B 126 -15.85 -0.91 -28.33
C ASP B 126 -15.06 -1.69 -29.38
N LYS B 127 -13.87 -1.18 -29.73
CA LYS B 127 -13.08 -1.80 -30.78
C LYS B 127 -11.60 -1.58 -30.49
N PHE B 128 -10.83 -2.67 -30.51
CA PHE B 128 -9.38 -2.61 -30.42
C PHE B 128 -8.81 -2.93 -31.80
N PHE B 129 -7.92 -2.06 -32.28
CA PHE B 129 -7.21 -2.27 -33.53
C PHE B 129 -5.83 -2.83 -33.22
N ILE B 130 -5.49 -3.95 -33.84
CA ILE B 130 -4.21 -4.61 -33.56
C ILE B 130 -3.46 -4.83 -34.86
N ASP B 131 -2.13 -4.79 -34.77
CA ASP B 131 -1.25 -5.07 -35.89
C ASP B 131 0.15 -5.30 -35.35
N TYR B 132 0.99 -5.93 -36.15
CA TYR B 132 2.37 -6.20 -35.79
C TYR B 132 3.30 -5.22 -36.48
N ILE B 133 4.32 -4.78 -35.75
CA ILE B 133 5.40 -3.97 -36.29
C ILE B 133 6.68 -4.78 -36.18
N GLY B 134 7.35 -5.01 -37.31
CA GLY B 134 8.57 -5.78 -37.32
C GLY B 134 8.81 -6.51 -38.63
N PRO B 135 9.91 -7.27 -38.70
CA PRO B 135 10.87 -7.50 -37.62
C PRO B 135 11.82 -6.34 -37.34
N LEU B 136 12.06 -6.09 -36.06
CA LEU B 136 12.95 -5.05 -35.57
C LEU B 136 14.30 -5.65 -35.20
N PRO B 137 15.32 -4.82 -35.00
CA PRO B 137 16.58 -5.32 -34.44
C PRO B 137 16.35 -6.00 -33.11
N PRO B 138 17.08 -7.08 -32.82
CA PRO B 138 16.87 -7.81 -31.57
C PRO B 138 17.12 -6.92 -30.36
N SER B 139 16.19 -6.96 -29.40
CA SER B 139 16.31 -6.21 -28.16
C SER B 139 15.89 -7.13 -27.03
N GLN B 140 16.87 -7.69 -26.33
CA GLN B 140 16.65 -8.63 -25.23
C GLN B 140 15.79 -9.81 -25.68
N GLY B 141 16.02 -10.27 -26.91
CA GLY B 141 15.37 -11.45 -27.44
C GLY B 141 14.04 -11.21 -28.14
N TYR B 142 13.58 -9.97 -28.23
CA TYR B 142 12.31 -9.66 -28.86
C TYR B 142 12.55 -9.01 -30.21
N LEU B 143 11.70 -9.34 -31.19
CA LEU B 143 11.84 -8.86 -32.55
C LEU B 143 10.65 -8.08 -33.08
N TYR B 144 9.47 -8.23 -32.50
CA TYR B 144 8.26 -7.60 -33.01
C TYR B 144 7.58 -6.83 -31.88
N VAL B 145 6.69 -5.92 -32.27
CA VAL B 145 5.84 -5.20 -31.35
C VAL B 145 4.39 -5.37 -31.79
N LEU B 146 3.56 -5.92 -30.90
CA LEU B 146 2.13 -5.99 -31.14
C LEU B 146 1.51 -4.66 -30.70
N VAL B 147 0.92 -3.95 -31.65
CA VAL B 147 0.31 -2.65 -31.38
C VAL B 147 -1.18 -2.85 -31.18
N VAL B 148 -1.70 -2.34 -30.07
CA VAL B 148 -3.14 -2.33 -29.79
C VAL B 148 -3.57 -0.89 -29.55
N VAL B 149 -4.58 -0.45 -30.28
CA VAL B 149 -5.08 0.91 -30.19
C VAL B 149 -6.59 0.85 -29.98
N ASP B 150 -7.07 1.51 -28.94
CA ASP B 150 -8.50 1.65 -28.74
C ASP B 150 -9.07 2.66 -29.73
N GLY B 151 -10.16 2.28 -30.41
CA GLY B 151 -10.66 3.10 -31.50
C GLY B 151 -11.21 4.43 -31.03
N MET B 152 -11.91 4.44 -29.90
CA MET B 152 -12.57 5.67 -29.46
C MET B 152 -11.58 6.66 -28.84
N THR B 153 -10.68 6.17 -27.99
CA THR B 153 -9.77 7.05 -27.26
C THR B 153 -8.43 7.24 -27.96
N GLY B 154 -8.03 6.29 -28.80
CA GLY B 154 -6.68 6.30 -29.32
C GLY B 154 -5.62 5.82 -28.36
N PHE B 155 -6.02 5.26 -27.22
CA PHE B 155 -5.06 4.75 -26.25
C PHE B 155 -4.32 3.56 -26.83
N THR B 156 -3.01 3.50 -26.58
CA THR B 156 -2.13 2.53 -27.21
C THR B 156 -1.49 1.63 -26.17
N TRP B 157 -1.50 0.33 -26.43
CA TRP B 157 -0.72 -0.65 -25.67
C TRP B 157 0.28 -1.30 -26.61
N LEU B 158 1.52 -1.45 -26.15
CA LEU B 158 2.58 -2.07 -26.93
C LEU B 158 3.09 -3.30 -26.19
N TYR B 159 3.17 -4.42 -26.89
CA TYR B 159 3.65 -5.68 -26.32
C TYR B 159 4.77 -6.21 -27.19
N PRO B 160 5.97 -6.43 -26.64
CA PRO B 160 7.04 -7.05 -27.43
C PRO B 160 6.85 -8.55 -27.53
N THR B 161 7.03 -9.08 -28.74
CA THR B 161 6.95 -10.50 -28.99
C THR B 161 8.18 -10.95 -29.75
N LYS B 162 8.39 -12.26 -29.79
CA LYS B 162 9.49 -12.84 -30.53
C LYS B 162 9.10 -13.29 -31.93
N ALA B 163 7.80 -13.34 -32.24
CA ALA B 163 7.33 -13.77 -33.54
C ALA B 163 5.93 -13.18 -33.76
N PRO B 164 5.54 -12.95 -35.04
CA PRO B 164 4.16 -12.54 -35.33
C PRO B 164 3.23 -13.75 -35.45
N SER B 165 3.18 -14.55 -34.39
CA SER B 165 2.45 -15.81 -34.40
C SER B 165 1.20 -15.70 -33.53
N THR B 166 0.33 -16.70 -33.68
CA THR B 166 -0.87 -16.77 -32.85
C THR B 166 -0.49 -16.92 -31.38
N SER B 167 0.49 -17.77 -31.09
CA SER B 167 0.92 -17.99 -29.70
C SER B 167 1.38 -16.68 -29.07
N ALA B 168 2.23 -15.92 -29.76
CA ALA B 168 2.70 -14.66 -29.22
C ALA B 168 1.56 -13.65 -29.10
N THR B 169 0.61 -13.68 -30.03
CA THR B 169 -0.53 -12.77 -29.96
C THR B 169 -1.41 -13.10 -28.77
N VAL B 170 -1.74 -14.39 -28.60
CA VAL B 170 -2.59 -14.81 -27.48
C VAL B 170 -1.93 -14.49 -26.15
N LYS B 171 -0.62 -14.71 -26.06
CA LYS B 171 0.08 -14.45 -24.80
C LYS B 171 0.06 -12.96 -24.46
N SER B 172 0.23 -12.09 -25.46
CA SER B 172 0.24 -10.66 -25.20
C SER B 172 -1.16 -10.15 -24.89
N LEU B 173 -2.15 -10.58 -25.68
CA LEU B 173 -3.52 -10.11 -25.46
C LEU B 173 -4.13 -10.68 -24.19
N ASN B 174 -3.63 -11.83 -23.70
CA ASN B 174 -4.09 -12.32 -22.40
C ASN B 174 -3.70 -11.37 -21.29
N VAL B 175 -2.57 -10.67 -21.42
CA VAL B 175 -2.21 -9.65 -20.45
C VAL B 175 -3.17 -8.48 -20.54
N LEU B 176 -3.42 -8.00 -21.76
CA LEU B 176 -4.32 -6.86 -21.94
C LEU B 176 -5.75 -7.21 -21.54
N THR B 177 -6.25 -8.37 -21.97
CA THR B 177 -7.61 -8.75 -21.66
C THR B 177 -7.81 -9.15 -20.20
N SER B 178 -6.76 -9.16 -19.39
CA SER B 178 -6.91 -9.24 -17.95
C SER B 178 -7.06 -7.86 -17.31
N ILE B 179 -6.98 -6.80 -18.12
CA ILE B 179 -7.28 -5.44 -17.68
C ILE B 179 -8.60 -4.94 -18.26
N ALA B 180 -8.83 -5.18 -19.55
CA ALA B 180 -10.07 -4.79 -20.19
C ALA B 180 -10.26 -5.64 -21.44
N ILE B 181 -11.51 -6.01 -21.71
CA ILE B 181 -11.85 -6.88 -22.83
C ILE B 181 -12.59 -6.04 -23.86
N PRO B 182 -12.16 -6.04 -25.12
CA PRO B 182 -12.90 -5.30 -26.15
C PRO B 182 -14.08 -6.12 -26.66
N LYS B 183 -15.06 -5.39 -27.20
CA LYS B 183 -16.16 -6.07 -27.89
C LYS B 183 -15.69 -6.60 -29.25
N VAL B 184 -14.91 -5.81 -29.97
CA VAL B 184 -14.43 -6.16 -31.30
C VAL B 184 -12.92 -5.97 -31.34
N ILE B 185 -12.22 -6.92 -31.96
CA ILE B 185 -10.82 -6.77 -32.33
C ILE B 185 -10.75 -6.67 -33.85
N HIS B 186 -10.08 -5.64 -34.35
CA HIS B 186 -9.91 -5.43 -35.77
C HIS B 186 -8.45 -5.61 -36.16
N SER B 187 -8.22 -6.24 -37.30
CA SER B 187 -6.87 -6.46 -37.81
C SER B 187 -6.95 -6.72 -39.31
N ASP B 188 -5.78 -6.88 -39.93
CA ASP B 188 -5.72 -7.30 -41.33
C ASP B 188 -5.77 -8.83 -41.38
N GLN B 189 -5.57 -9.39 -42.58
CA GLN B 189 -5.65 -10.82 -42.78
C GLN B 189 -4.35 -11.55 -42.45
N GLY B 190 -3.56 -11.02 -41.52
CA GLY B 190 -2.34 -11.69 -41.12
C GLY B 190 -2.61 -13.08 -40.58
N ALA B 191 -1.64 -13.98 -40.77
CA ALA B 191 -1.83 -15.38 -40.43
C ALA B 191 -2.06 -15.57 -38.93
N ALA B 192 -1.38 -14.77 -38.10
CA ALA B 192 -1.58 -14.87 -36.66
C ALA B 192 -3.01 -14.56 -36.27
N PHE B 193 -3.66 -13.66 -37.01
CA PHE B 193 -5.01 -13.21 -36.66
C PHE B 193 -6.11 -14.03 -37.31
N THR B 194 -5.83 -14.69 -38.43
CA THR B 194 -6.84 -15.48 -39.13
C THR B 194 -6.77 -16.97 -38.79
N SER B 195 -5.90 -17.37 -37.86
CA SER B 195 -5.77 -18.78 -37.51
C SER B 195 -7.00 -19.27 -36.75
N SER B 196 -7.24 -20.57 -36.84
CA SER B 196 -8.36 -21.15 -36.10
C SER B 196 -8.13 -21.07 -34.60
N THR B 197 -6.88 -21.11 -34.16
CA THR B 197 -6.59 -20.99 -32.73
C THR B 197 -6.97 -19.62 -32.20
N PHE B 198 -6.58 -18.56 -32.93
CA PHE B 198 -6.93 -17.22 -32.47
C PHE B 198 -8.43 -16.98 -32.51
N ALA B 199 -9.13 -17.56 -33.49
CA ALA B 199 -10.58 -17.47 -33.53
C ALA B 199 -11.20 -18.10 -32.28
N GLU B 200 -10.72 -19.28 -31.89
CA GLU B 200 -11.23 -19.92 -30.68
C GLU B 200 -10.93 -19.09 -29.45
N TRP B 201 -9.73 -18.49 -29.39
CA TRP B 201 -9.38 -17.63 -28.27
C TRP B 201 -10.36 -16.48 -28.13
N ALA B 202 -10.66 -15.80 -29.25
CA ALA B 202 -11.61 -14.69 -29.21
C ALA B 202 -13.01 -15.17 -28.86
N LYS B 203 -13.40 -16.34 -29.36
CA LYS B 203 -14.75 -16.84 -29.09
C LYS B 203 -14.91 -17.19 -27.61
N GLU B 204 -13.86 -17.72 -26.97
CA GLU B 204 -13.92 -18.02 -25.56
C GLU B 204 -14.12 -16.79 -24.70
N ARG B 205 -13.70 -15.62 -25.18
CA ARG B 205 -13.81 -14.37 -24.43
C ARG B 205 -14.94 -13.48 -24.94
N GLY B 206 -15.78 -13.98 -25.83
CA GLY B 206 -16.86 -13.18 -26.37
C GLY B 206 -16.40 -12.01 -27.21
N ILE B 207 -15.23 -12.12 -27.83
CA ILE B 207 -14.67 -11.06 -28.67
C ILE B 207 -14.98 -11.39 -30.12
N HIS B 208 -15.63 -10.47 -30.82
CA HIS B 208 -15.86 -10.63 -32.25
C HIS B 208 -14.63 -10.17 -33.02
N LEU B 209 -14.17 -10.99 -33.96
CA LEU B 209 -13.04 -10.64 -34.81
C LEU B 209 -13.55 -10.01 -36.10
N GLU B 210 -12.92 -8.90 -36.50
CA GLU B 210 -13.30 -8.16 -37.69
C GLU B 210 -12.05 -7.93 -38.54
N PHE B 211 -12.06 -8.42 -39.76
CA PHE B 211 -10.91 -8.36 -40.64
C PHE B 211 -11.16 -7.38 -41.77
N SER B 212 -10.11 -6.69 -42.18
CA SER B 212 -10.19 -5.85 -43.36
C SER B 212 -9.97 -6.69 -44.61
N THR B 213 -10.41 -6.14 -45.75
CA THR B 213 -10.22 -6.83 -47.01
C THR B 213 -8.73 -7.02 -47.29
N PRO B 214 -8.32 -8.18 -47.81
CA PRO B 214 -6.91 -8.36 -48.18
C PRO B 214 -6.42 -7.24 -49.09
N TYR B 215 -5.21 -6.76 -48.80
CA TYR B 215 -4.52 -5.69 -49.52
C TYR B 215 -5.24 -4.35 -49.42
N HIS B 216 -6.34 -4.26 -48.66
CA HIS B 216 -7.07 -3.01 -48.45
C HIS B 216 -7.24 -2.76 -46.96
N PRO B 217 -6.16 -2.34 -46.28
CA PRO B 217 -6.25 -2.09 -44.83
C PRO B 217 -7.15 -0.90 -44.54
N GLN B 218 -8.14 -1.11 -43.68
CA GLN B 218 -9.12 -0.10 -43.33
C GLN B 218 -9.27 -0.02 -41.82
N SER B 219 -9.17 1.19 -41.28
CA SER B 219 -9.40 1.42 -39.86
C SER B 219 -10.17 2.70 -39.67
N SER B 220 -9.60 3.66 -38.93
CA SER B 220 -10.19 4.98 -38.81
C SER B 220 -9.08 6.02 -38.94
N GLY B 221 -9.48 7.25 -39.28
CA GLY B 221 -8.53 8.34 -39.37
C GLY B 221 -7.68 8.47 -38.11
N LYS B 222 -8.35 8.42 -36.95
CA LYS B 222 -7.62 8.51 -35.68
C LYS B 222 -6.64 7.35 -35.52
N VAL B 223 -7.08 6.13 -35.83
CA VAL B 223 -6.22 4.97 -35.67
C VAL B 223 -5.12 4.96 -36.73
N GLU B 224 -5.45 5.34 -37.96
CA GLU B 224 -4.44 5.46 -39.00
C GLU B 224 -3.32 6.41 -38.57
N ARG B 225 -3.70 7.62 -38.13
CA ARG B 225 -2.70 8.60 -37.71
C ARG B 225 -1.96 8.15 -36.47
N LYS B 226 -2.65 7.47 -35.55
CA LYS B 226 -1.97 6.98 -34.35
C LYS B 226 -0.92 5.94 -34.71
N ASN B 227 -1.27 4.99 -35.59
CA ASN B 227 -0.29 4.00 -36.01
C ASN B 227 0.85 4.65 -36.81
N SER B 228 0.57 5.74 -37.51
CA SER B 228 1.63 6.50 -38.16
C SER B 228 2.59 7.08 -37.12
N ASP B 229 2.04 7.69 -36.07
CA ASP B 229 2.87 8.26 -35.01
C ASP B 229 3.74 7.20 -34.35
N ILE B 230 3.17 6.00 -34.13
CA ILE B 230 3.92 4.95 -33.47
C ILE B 230 5.12 4.52 -34.31
N LYS B 231 4.89 4.33 -35.62
CA LYS B 231 5.98 3.92 -36.50
C LYS B 231 7.05 4.99 -36.58
N ARG B 232 6.65 6.26 -36.61
CA ARG B 232 7.63 7.34 -36.70
C ARG B 232 8.36 7.55 -35.38
N LEU B 233 7.63 7.49 -34.25
CA LEU B 233 8.27 7.68 -32.96
C LEU B 233 9.28 6.56 -32.67
N LEU B 234 8.94 5.33 -33.06
CA LEU B 234 9.88 4.22 -32.89
C LEU B 234 11.12 4.42 -33.74
N THR B 235 10.95 4.86 -34.99
CA THR B 235 12.09 5.08 -35.86
C THR B 235 13.03 6.15 -35.31
N LYS B 236 12.45 7.23 -34.76
CA LYS B 236 13.29 8.31 -34.24
C LYS B 236 14.12 7.86 -33.04
N LEU B 237 13.61 6.91 -32.26
CA LEU B 237 14.32 6.42 -31.10
C LEU B 237 15.12 5.14 -31.38
N LEU B 238 14.88 4.48 -32.52
CA LEU B 238 15.69 3.33 -32.89
C LEU B 238 17.12 3.74 -33.25
N VAL B 239 17.26 4.86 -33.96
CA VAL B 239 18.60 5.30 -34.39
C VAL B 239 19.44 5.63 -33.17
N GLY B 240 20.72 5.26 -33.24
CA GLY B 240 21.65 5.43 -32.14
C GLY B 240 21.63 4.31 -31.12
N ARG B 241 20.49 3.64 -30.94
CA ARG B 241 20.36 2.52 -30.01
C ARG B 241 19.34 1.51 -30.54
N PRO B 242 19.61 0.86 -31.67
CA PRO B 242 18.59 0.01 -32.29
C PRO B 242 18.27 -1.25 -31.50
N THR B 243 19.08 -1.62 -30.52
CA THR B 243 18.86 -2.85 -29.75
C THR B 243 18.38 -2.58 -28.33
N LYS B 244 17.95 -1.35 -28.03
CA LYS B 244 17.56 -0.97 -26.68
C LYS B 244 16.12 -0.46 -26.64
N TRP B 245 15.28 -0.91 -27.57
CA TRP B 245 13.90 -0.43 -27.63
C TRP B 245 12.98 -1.16 -26.67
N TYR B 246 13.38 -2.33 -26.17
CA TYR B 246 12.54 -3.03 -25.20
C TYR B 246 12.38 -2.21 -23.92
N ASP B 247 13.47 -1.59 -23.45
CA ASP B 247 13.40 -0.79 -22.25
C ASP B 247 12.65 0.52 -22.47
N LEU B 248 12.57 1.00 -23.71
CA LEU B 248 11.94 2.27 -24.01
C LEU B 248 10.45 2.16 -24.31
N LEU B 249 9.92 0.94 -24.41
CA LEU B 249 8.49 0.78 -24.68
C LEU B 249 7.60 1.48 -23.66
N PRO B 250 7.88 1.44 -22.34
CA PRO B 250 7.01 2.19 -21.42
C PRO B 250 6.93 3.69 -21.72
N VAL B 251 8.08 4.35 -21.88
CA VAL B 251 8.06 5.79 -22.11
C VAL B 251 7.45 6.12 -23.47
N VAL B 252 7.49 5.20 -24.42
CA VAL B 252 6.87 5.43 -25.72
C VAL B 252 5.35 5.47 -25.57
N GLN B 253 4.78 4.52 -24.83
CA GLN B 253 3.32 4.50 -24.65
C GLN B 253 2.86 5.74 -23.89
N LEU B 254 3.58 6.12 -22.83
CA LEU B 254 3.22 7.33 -22.10
C LEU B 254 3.20 8.55 -23.02
N ALA B 255 4.20 8.68 -23.88
CA ALA B 255 4.24 9.78 -24.84
C ALA B 255 3.04 9.73 -25.76
N LEU B 256 2.78 8.56 -26.36
CA LEU B 256 1.67 8.41 -27.28
C LEU B 256 0.34 8.70 -26.60
N ASN B 257 0.14 8.15 -25.40
CA ASN B 257 -1.15 8.25 -24.74
C ASN B 257 -1.36 9.58 -24.04
N ASN B 258 -0.33 10.41 -23.91
CA ASN B 258 -0.46 11.77 -23.40
C ASN B 258 -0.22 12.80 -24.49
N THR B 259 -0.48 12.43 -25.74
CA THR B 259 -0.37 13.33 -26.88
C THR B 259 -1.72 13.96 -27.16
N TYR B 260 -1.73 15.29 -27.26
CA TYR B 260 -2.97 16.02 -27.52
CA TYR B 260 -2.98 16.00 -27.51
C TYR B 260 -3.54 15.67 -28.88
N SER B 261 -4.86 15.45 -28.94
CA SER B 261 -5.55 15.13 -30.17
C SER B 261 -6.18 16.38 -30.75
N PRO B 262 -5.79 16.81 -31.95
CA PRO B 262 -6.40 18.03 -32.52
C PRO B 262 -7.90 17.93 -32.72
N VAL B 263 -8.40 16.75 -33.09
CA VAL B 263 -9.82 16.59 -33.37
C VAL B 263 -10.63 16.54 -32.07
N LEU B 264 -10.27 15.63 -31.17
CA LEU B 264 -11.03 15.46 -29.92
C LEU B 264 -10.64 16.45 -28.84
N LYS B 265 -9.51 17.15 -28.99
CA LYS B 265 -9.05 18.14 -28.01
C LYS B 265 -8.83 17.53 -26.64
N TYR B 266 -8.54 16.23 -26.60
CA TYR B 266 -8.17 15.53 -25.37
C TYR B 266 -7.16 14.45 -25.71
N THR B 267 -6.28 14.15 -24.76
CA THR B 267 -5.33 13.06 -24.94
C THR B 267 -6.04 11.72 -24.75
N PRO B 268 -5.44 10.63 -25.24
CA PRO B 268 -6.01 9.31 -24.92
C PRO B 268 -6.12 9.04 -23.43
N HIS B 269 -5.13 9.49 -22.65
CA HIS B 269 -5.19 9.31 -21.21
C HIS B 269 -6.43 9.99 -20.63
N GLN B 270 -6.72 11.21 -21.08
CA GLN B 270 -7.87 11.94 -20.56
C GLN B 270 -9.18 11.26 -20.94
N LEU B 271 -9.29 10.77 -22.17
CA LEU B 271 -10.53 10.15 -22.61
C LEU B 271 -10.74 8.79 -21.95
N LEU B 272 -9.67 8.11 -21.56
CA LEU B 272 -9.79 6.77 -20.98
C LEU B 272 -10.05 6.81 -19.47
N PHE B 273 -9.41 7.73 -18.75
CA PHE B 273 -9.54 7.79 -17.30
C PHE B 273 -10.34 8.99 -16.82
N GLY B 274 -10.61 9.98 -17.67
CA GLY B 274 -11.40 11.11 -17.26
C GLY B 274 -10.71 12.08 -16.33
N ILE B 275 -9.38 12.04 -16.28
CA ILE B 275 -8.58 12.94 -15.45
C ILE B 275 -7.38 13.41 -16.27
N ASP B 276 -6.69 14.41 -15.72
CA ASP B 276 -5.40 14.78 -16.27
C ASP B 276 -4.34 13.77 -15.83
N SER B 277 -3.18 13.83 -16.48
CA SER B 277 -2.10 12.90 -16.23
C SER B 277 -1.05 13.52 -15.33
N ASN B 278 -0.25 12.66 -14.70
CA ASN B 278 0.90 13.10 -13.93
C ASN B 278 2.15 13.26 -14.78
N THR B 279 2.11 12.83 -16.05
CA THR B 279 3.21 13.03 -16.99
C THR B 279 2.66 13.69 -18.25
N PRO B 280 2.41 14.99 -18.20
CA PRO B 280 1.99 15.70 -19.42
C PRO B 280 3.18 15.97 -20.31
N PHE B 281 3.09 15.58 -21.57
CA PHE B 281 4.18 15.74 -22.52
C PHE B 281 3.94 17.02 -23.32
N ALA B 282 4.58 18.10 -22.88
CA ALA B 282 4.42 19.40 -23.51
C ALA B 282 5.41 19.62 -24.65
N ASN B 283 6.64 19.15 -24.49
CA ASN B 283 7.67 19.29 -25.51
C ASN B 283 7.57 18.13 -26.48
N GLN B 284 7.06 18.39 -27.67
CA GLN B 284 6.92 17.34 -28.67
C GLN B 284 8.24 17.11 -29.37
N ASP B 285 8.66 15.85 -29.47
CA ASP B 285 9.77 15.51 -30.34
C ASP B 285 9.48 15.98 -31.75
N THR B 286 10.53 16.38 -32.48
CA THR B 286 10.35 16.83 -33.85
C THR B 286 9.64 15.78 -34.69
N LEU B 287 9.78 14.51 -34.33
CA LEU B 287 9.16 13.37 -35.01
C LEU B 287 9.64 13.27 -36.45
N ASP B 288 10.53 14.18 -36.84
CA ASP B 288 11.23 14.15 -38.12
C ASP B 288 12.71 13.98 -37.81
N LEU B 289 13.35 13.05 -38.52
CA LEU B 289 14.75 12.76 -38.26
C LEU B 289 15.62 13.98 -38.59
N THR B 290 16.46 14.37 -37.64
CA THR B 290 17.42 15.43 -37.89
C THR B 290 18.43 14.98 -38.92
N ARG B 291 19.17 15.95 -39.48
CA ARG B 291 20.12 15.63 -40.53
C ARG B 291 21.16 14.61 -40.07
N GLU B 292 21.60 14.72 -38.81
CA GLU B 292 22.56 13.75 -38.29
C GLU B 292 21.91 12.40 -38.02
N GLU B 293 20.63 12.39 -37.62
CA GLU B 293 19.94 11.12 -37.41
C GLU B 293 19.69 10.39 -38.72
N GLU B 294 19.55 11.12 -39.83
CA GLU B 294 19.36 10.48 -41.12
C GLU B 294 20.64 9.81 -41.59
N LEU B 295 21.79 10.45 -41.35
CA LEU B 295 23.07 9.86 -41.75
C LEU B 295 23.35 8.58 -40.98
N SER B 296 23.03 8.56 -39.68
CA SER B 296 23.27 7.36 -38.89
C SER B 296 22.30 6.24 -39.24
N LEU B 297 21.10 6.58 -39.72
CA LEU B 297 20.14 5.56 -40.12
C LEU B 297 20.51 4.96 -41.47
N LEU B 298 21.06 5.77 -42.38
CA LEU B 298 21.54 5.24 -43.65
C LEU B 298 22.74 4.33 -43.47
N GLN B 299 23.59 4.62 -42.49
CA GLN B 299 24.74 3.77 -42.21
C GLN B 299 24.32 2.42 -41.62
N GLU B 300 23.27 2.41 -40.81
CA GLU B 300 22.77 1.19 -40.20
C GLU B 300 21.93 0.39 -41.20
ZN ZN E . 9.93 -4.52 39.42
MG MG F . 4.44 -6.48 3.35
MG MG G . 0.85 -7.19 3.80
S SO4 H . 2.62 -25.76 -11.37
O1 SO4 H . 4.07 -25.70 -11.31
O2 SO4 H . 2.06 -25.84 -10.02
O3 SO4 H . 2.11 -24.55 -12.02
O4 SO4 H . 2.22 -26.93 -12.13
S SO4 I . 16.44 -1.02 25.13
O1 SO4 I . 17.71 -0.79 25.82
O2 SO4 I . 15.50 -1.64 26.04
O3 SO4 I . 15.90 0.26 24.68
O4 SO4 I . 16.66 -1.87 23.97
S SO4 J . 10.85 -8.18 4.96
O1 SO4 J . 11.34 -8.94 6.12
O2 SO4 J . 10.16 -6.98 5.45
O3 SO4 J . 11.98 -7.78 4.13
O4 SO4 J . 9.93 -9.00 4.20
S SO4 K . 8.58 -16.30 24.70
O1 SO4 K . 9.04 -17.68 24.58
O2 SO4 K . 9.14 -15.69 25.90
O3 SO4 K . 9.00 -15.53 23.52
O4 SO4 K . 7.12 -16.29 24.79
C1 GOL L . 18.65 -7.14 -4.46
O1 GOL L . 17.97 -5.98 -4.06
C2 GOL L . 17.76 -7.98 -5.37
O2 GOL L . 16.77 -7.16 -5.94
C3 GOL L . 18.60 -8.60 -6.48
O3 GOL L . 17.75 -9.32 -7.34
C1 GOL M . -15.74 0.95 9.84
O1 GOL M . -15.23 -0.29 10.31
C2 GOL M . -16.39 0.77 8.47
O2 GOL M . -17.49 1.65 8.37
C3 GOL M . -15.38 1.13 7.41
O3 GOL M . -16.01 1.22 6.15
C1 GOL N . 12.35 -7.31 56.10
O1 GOL N . 11.86 -5.98 56.10
C2 GOL N . 11.33 -8.22 56.75
O2 GOL N . 10.06 -7.59 56.71
C3 GOL N . 11.26 -9.55 56.01
O3 GOL N . 10.24 -10.35 56.59
C1 GOL O . -6.36 13.02 7.41
O1 GOL O . -6.38 11.99 8.38
C2 GOL O . -6.25 12.43 6.02
O2 GOL O . -7.36 12.81 5.24
C3 GOL O . -4.97 12.88 5.34
O3 GOL O . -4.92 12.32 4.05
C1 GOL P . -7.77 -15.27 3.73
O1 GOL P . -8.73 -14.30 3.40
C2 GOL P . -8.29 -16.67 3.40
O2 GOL P . -8.86 -17.25 4.55
C3 GOL P . -7.15 -17.53 2.89
O3 GOL P . -7.64 -18.81 2.56
C1 GOL Q . 1.14 -3.91 16.47
O1 GOL Q . 0.79 -3.05 17.54
C2 GOL Q . -0.10 -4.17 15.64
O2 GOL Q . -1.06 -3.16 15.86
C3 GOL Q . 0.29 -4.19 14.16
O3 GOL Q . -0.72 -4.85 13.41
C1 GOL R . 0.86 20.06 72.29
O1 GOL R . 0.91 21.01 71.26
C2 GOL R . 0.95 18.65 71.71
O2 GOL R . -0.35 18.07 71.71
C3 GOL R . 1.47 18.71 70.29
O3 GOL R . 2.73 19.35 70.28
C1 GOL S . 19.06 7.39 25.96
O1 GOL S . 18.90 6.39 26.93
C2 GOL S . 18.66 6.85 24.59
O2 GOL S . 17.84 7.79 23.93
C3 GOL S . 19.90 6.59 23.76
O3 GOL S . 20.41 7.81 23.27
C1 GOL T . -10.04 15.21 -18.88
O1 GOL T . -9.82 16.08 -17.80
C2 GOL T . -11.52 14.83 -18.96
O2 GOL T . -12.26 15.69 -18.12
C3 GOL T . -12.01 14.98 -20.39
O3 GOL T . -13.42 14.89 -20.42
FAG VHT U . -2.09 -7.27 6.90
CAW VHT U . -2.44 -7.06 8.17
CAM VHT U . -3.27 -5.99 8.47
CAV VHT U . -3.64 -5.77 9.80
FAF VHT U . -4.44 -4.74 10.12
CAJ VHT U . -3.18 -6.62 10.80
CAK VHT U . -2.34 -7.69 10.48
CAX VHT U . -1.98 -7.91 9.16
CAO VHT U . -1.14 -8.98 8.86
NAQ VHT U . 0.01 -8.57 8.04
CAU VHT U . 1.25 -8.52 8.55
OAC VHT U . 1.50 -8.81 9.70
CAZ VHT U . 2.26 -8.16 7.67
CBA VHT U . 1.99 -7.97 6.31
OAD VHT U . 0.85 -8.09 5.88
NBD VHT U . 2.99 -7.64 5.46
OAE VHT U . 2.69 -7.45 4.13
CBC VHT U . 4.25 -7.48 5.87
NAP VHT U . 5.19 -7.15 4.96
CAI VHT U . 6.53 -6.98 5.33
CAH VHT U . 6.89 -7.16 6.65
CAL VHT U . 5.92 -7.50 7.59
CBB VHT U . 4.60 -7.66 7.20
CAY VHT U . 3.58 -8.02 8.09
N VHT U . 3.86 -8.18 9.39
CA VHT U . 4.16 -6.99 10.23
C VHT U . 3.81 -7.14 11.70
O VHT U . 4.53 -6.63 12.57
OAS VHT U . 2.68 -7.81 11.99
CAA VHT U . 1.96 -7.11 13.01
O1 MES V . 13.76 -5.78 8.75
C2 MES V . 12.86 -6.68 9.36
C3 MES V . 11.54 -6.76 8.59
N4 MES V . 11.08 -5.40 8.37
C5 MES V . 12.01 -4.43 7.77
C6 MES V . 13.24 -4.45 8.66
C7 MES V . 9.67 -5.23 8.06
C8 MES V . 9.32 -3.84 8.57
S MES V . 7.68 -3.59 8.39
O1S MES V . 6.95 -4.59 9.21
O2S MES V . 7.35 -2.23 8.84
O3S MES V . 7.29 -3.75 6.97
O1 HEZ W . -25.57 0.44 -9.12
C1 HEZ W . -24.89 -0.09 -10.21
C2 HEZ W . -24.00 0.99 -10.82
C3 HEZ W . -23.20 0.41 -11.99
C4 HEZ W . -23.05 1.47 -13.08
C5 HEZ W . -21.62 2.02 -13.08
C6 HEZ W . -21.41 2.82 -14.36
O6 HEZ W . -20.27 3.64 -14.23
MG MG X . -1.24 -7.25 -39.86
S SO4 Y . -6.58 12.74 -34.12
O1 SO4 Y . -5.67 12.35 -33.06
O2 SO4 Y . -7.96 12.59 -33.68
O3 SO4 Y . -6.34 14.13 -34.50
O4 SO4 Y . -6.36 11.88 -35.28
C1 GOL Z . -13.18 8.93 -38.53
O1 GOL Z . -14.09 7.90 -38.21
C2 GOL Z . -12.51 8.62 -39.86
O2 GOL Z . -13.29 7.68 -40.57
C3 GOL Z . -12.39 9.91 -40.68
O3 GOL Z . -11.46 10.77 -40.06
O1 HEZ AA . 1.45 -2.11 -22.19
C1 HEZ AA . 2.35 -3.17 -22.00
C2 HEZ AA . 3.72 -2.61 -21.65
C3 HEZ AA . 4.81 -3.66 -21.89
C4 HEZ AA . 6.15 -2.94 -21.94
C5 HEZ AA . 7.29 -3.88 -21.55
C6 HEZ AA . 8.58 -3.07 -21.41
O6 HEZ AA . 9.60 -3.88 -20.89
C1 GOL BA . -18.59 -0.47 5.52
O1 GOL BA . -18.02 0.65 4.89
C2 GOL BA . -18.60 -1.63 4.54
O2 GOL BA . -17.78 -2.66 5.04
C3 GOL BA . -20.03 -2.12 4.36
O3 GOL BA . -20.11 -2.98 3.25
C1 GOL CA . -55.54 0.54 1.82
O1 GOL CA . -55.33 0.93 3.16
C2 GOL CA . -56.81 -0.28 1.70
O2 GOL CA . -57.59 0.24 0.64
C3 GOL CA . -56.45 -1.73 1.43
O3 GOL CA . -57.63 -2.50 1.35
#